data_4XV9
#
_entry.id   4XV9
#
_cell.length_a   119.297
_cell.length_b   119.297
_cell.length_c   52.507
_cell.angle_alpha   90.00
_cell.angle_beta   90.00
_cell.angle_gamma   90.00
#
_symmetry.space_group_name_H-M   'P 43 2 2'
#
loop_
_entity.id
_entity.type
_entity.pdbx_description
1 polymer 'Serine/threonine-protein kinase B-raf'
2 non-polymer N-{3-[(5-chloro-1H-pyrrolo[2,3-b]pyridin-3-yl)carbonyl]-2,4-difluorophenyl}-4-(trifluoromethyl)benzenesulfonamide
3 non-polymer 'SULFATE ION'
4 water water
#
_entity_poly.entity_id   1
_entity_poly.type   'polypeptide(L)'
_entity_poly.pdbx_seq_one_letter_code
;MKKGHHHHHHGSRDSSDDWEIPDGQITVGQRIGSGSFGTVYKGKWHGDVAVKMLNVTAPTPQQLQAFKNEVGVLRKTRHV
NILLFMGYSTKPQLAIVTQWCEGSSLYHHLHASETKFEMKKLIDIARQTARGMDYLHAKSIIHRDLKSNNIFLHEDNTVK
IGDFGLATVKSRWSGSHQFEQLSGSILWMAPEVIRMQDSNPYSFQSDVYAFGIVLYELMTGQLPYSNINNRDQIIEMVGR
GSLSPDLSKVRSNCPKRMKRLMAECLKKKRDERPSFPRILAEIEELARELSG
;
_entity_poly.pdbx_strand_id   A
#
loop_
_chem_comp.id
_chem_comp.type
_chem_comp.name
_chem_comp.formula
1OO non-polymer N-{3-[(5-chloro-1H-pyrrolo[2,3-b]pyridin-3-yl)carbonyl]-2,4-difluorophenyl}-4-(trifluoromethyl)benzenesulfonamide 'C21 H11 Cl F5 N3 O3 S'
SO4 non-polymer 'SULFATE ION' 'O4 S -2'
#
# COMPACT_ATOMS: atom_id res chain seq x y z
N ASP A 17 -0.69 27.48 1.79
CA ASP A 17 0.80 27.48 1.89
C ASP A 17 1.44 27.32 0.50
N ASP A 18 2.73 27.00 0.44
CA ASP A 18 3.45 27.00 -0.85
C ASP A 18 3.17 25.75 -1.72
N TRP A 19 2.48 24.76 -1.17
CA TRP A 19 2.07 23.58 -1.95
C TRP A 19 0.65 23.69 -2.51
N GLU A 20 -0.06 24.78 -2.18
CA GLU A 20 -1.38 25.02 -2.75
C GLU A 20 -1.25 25.41 -4.23
N ILE A 21 -2.04 24.76 -5.07
CA ILE A 21 -2.07 25.03 -6.50
C ILE A 21 -3.34 25.82 -6.80
N PRO A 22 -3.21 27.08 -7.19
CA PRO A 22 -4.36 27.92 -7.52
C PRO A 22 -5.30 27.30 -8.56
N ASP A 23 -6.59 27.57 -8.42
CA ASP A 23 -7.60 27.06 -9.35
C ASP A 23 -7.35 27.58 -10.76
N GLY A 24 -7.60 26.73 -11.76
CA GLY A 24 -7.41 27.10 -13.15
C GLY A 24 -6.11 26.63 -13.76
N GLN A 25 -5.11 26.35 -12.92
CA GLN A 25 -3.79 25.93 -13.40
C GLN A 25 -3.77 24.49 -13.93
N ILE A 26 -4.59 23.62 -13.33
CA ILE A 26 -4.64 22.21 -13.74
C ILE A 26 -5.79 21.97 -14.72
N THR A 27 -5.45 21.41 -15.88
CA THR A 27 -6.45 20.96 -16.85
C THR A 27 -6.82 19.52 -16.52
N VAL A 28 -8.03 19.30 -16.04
CA VAL A 28 -8.47 17.97 -15.62
C VAL A 28 -8.90 17.17 -16.86
N GLY A 29 -8.40 15.95 -16.94
CA GLY A 29 -8.62 15.07 -18.08
C GLY A 29 -9.47 13.86 -17.73
N GLN A 30 -9.01 12.68 -18.15
CA GLN A 30 -9.80 11.46 -18.07
C GLN A 30 -10.10 11.04 -16.63
N ARG A 31 -11.33 10.61 -16.40
CA ARG A 31 -11.73 10.00 -15.13
C ARG A 31 -11.17 8.59 -15.08
N ILE A 32 -10.21 8.36 -14.18
CA ILE A 32 -9.57 7.06 -14.03
C ILE A 32 -10.44 6.08 -13.23
N GLY A 33 -10.90 6.51 -12.06
CA GLY A 33 -11.77 5.69 -11.25
C GLY A 33 -11.95 6.16 -9.81
N SER A 34 -12.83 5.46 -9.08
CA SER A 34 -13.06 5.74 -7.67
C SER A 34 -11.89 5.24 -6.83
N GLY A 35 -11.15 6.17 -6.23
CA GLY A 35 -10.09 5.84 -5.30
C GLY A 35 -10.55 5.89 -3.85
N SER A 36 -9.59 5.93 -2.94
N SER A 36 -9.58 5.94 -2.93
CA SER A 36 -9.87 5.98 -1.51
CA SER A 36 -9.86 5.99 -1.50
C SER A 36 -10.36 7.38 -1.11
C SER A 36 -10.36 7.38 -1.11
N PHE A 37 -11.64 7.48 -0.77
CA PHE A 37 -12.29 8.74 -0.35
C PHE A 37 -12.33 9.84 -1.43
N GLY A 38 -12.14 9.47 -2.70
CA GLY A 38 -12.13 10.44 -3.78
C GLY A 38 -12.21 9.82 -5.16
N THR A 39 -12.18 10.67 -6.17
CA THR A 39 -12.20 10.27 -7.58
C THR A 39 -10.90 10.73 -8.22
N VAL A 40 -10.16 9.81 -8.82
CA VAL A 40 -8.88 10.13 -9.43
C VAL A 40 -9.06 10.49 -10.90
N TYR A 41 -8.32 11.52 -11.33
CA TYR A 41 -8.30 11.96 -12.73
C TYR A 41 -6.85 12.13 -13.18
N LYS A 42 -6.57 11.85 -14.44
CA LYS A 42 -5.33 12.29 -15.04
C LYS A 42 -5.49 13.79 -15.35
N GLY A 43 -4.41 14.54 -15.17
CA GLY A 43 -4.44 15.98 -15.38
C GLY A 43 -3.16 16.51 -15.99
N LYS A 44 -3.18 17.78 -16.39
CA LYS A 44 -2.01 18.45 -16.94
C LYS A 44 -1.63 19.62 -16.05
N TRP A 45 -0.39 19.60 -15.57
CA TRP A 45 0.17 20.65 -14.74
C TRP A 45 1.70 20.52 -14.82
N HIS A 46 2.30 21.32 -15.71
CA HIS A 46 3.72 21.23 -16.00
C HIS A 46 4.12 19.80 -16.37
N GLY A 47 3.28 19.17 -17.21
CA GLY A 47 3.42 17.76 -17.54
C GLY A 47 2.22 17.00 -17.04
N ASP A 48 2.38 15.69 -16.83
CA ASP A 48 1.30 14.86 -16.32
C ASP A 48 1.24 14.88 -14.79
N VAL A 49 0.02 14.86 -14.26
CA VAL A 49 -0.23 14.66 -12.84
C VAL A 49 -1.47 13.77 -12.64
N ALA A 50 -1.61 13.24 -11.43
CA ALA A 50 -2.85 12.64 -10.98
C ALA A 50 -3.50 13.60 -9.99
N VAL A 51 -4.83 13.67 -10.02
CA VAL A 51 -5.59 14.57 -9.16
C VAL A 51 -6.74 13.81 -8.54
N LYS A 52 -6.67 13.57 -7.23
CA LYS A 52 -7.79 12.97 -6.51
C LYS A 52 -8.70 14.07 -5.95
N MET A 53 -9.89 14.19 -6.52
CA MET A 53 -10.92 15.07 -5.99
C MET A 53 -11.65 14.34 -4.88
N LEU A 54 -11.53 14.84 -3.65
N LEU A 54 -11.51 14.82 -3.64
CA LEU A 54 -12.17 14.22 -2.48
CA LEU A 54 -12.17 14.20 -2.49
C LEU A 54 -13.69 14.32 -2.60
C LEU A 54 -13.69 14.32 -2.60
N ASN A 55 -14.38 13.30 -2.08
CA ASN A 55 -15.85 13.25 -2.14
C ASN A 55 -16.54 14.33 -1.31
N VAL A 56 -15.86 14.80 -0.27
CA VAL A 56 -16.45 15.76 0.66
C VAL A 56 -16.81 17.08 -0.02
N THR A 57 -18.08 17.46 0.13
CA THR A 57 -18.58 18.77 -0.26
C THR A 57 -19.07 19.47 1.01
N ALA A 58 -18.77 20.76 1.13
CA ALA A 58 -19.10 21.54 2.31
C ALA A 58 -18.50 20.90 3.56
N PRO A 59 -17.16 20.80 3.61
CA PRO A 59 -16.50 20.11 4.72
C PRO A 59 -16.68 20.81 6.07
N THR A 60 -16.80 20.01 7.12
CA THR A 60 -16.86 20.51 8.50
C THR A 60 -15.48 21.01 8.91
N PRO A 61 -15.38 21.76 10.00
CA PRO A 61 -14.07 22.16 10.55
C PRO A 61 -13.12 20.98 10.79
N GLN A 62 -13.65 19.82 11.18
CA GLN A 62 -12.84 18.64 11.48
C GLN A 62 -12.40 17.87 10.22
N GLN A 63 -13.17 18.01 9.14
CA GLN A 63 -12.80 17.41 7.85
C GLN A 63 -11.72 18.25 7.16
N LEU A 64 -11.77 19.57 7.35
CA LEU A 64 -10.75 20.47 6.84
C LEU A 64 -9.45 20.32 7.62
N GLN A 65 -9.58 20.05 8.92
CA GLN A 65 -8.42 19.84 9.79
C GLN A 65 -7.74 18.53 9.45
N ALA A 66 -8.54 17.50 9.16
CA ALA A 66 -8.01 16.19 8.78
C ALA A 66 -7.31 16.25 7.43
N PHE A 67 -7.81 17.11 6.54
CA PHE A 67 -7.21 17.29 5.22
C PHE A 67 -5.84 17.96 5.35
N LYS A 68 -5.76 18.99 6.19
CA LYS A 68 -4.50 19.70 6.44
C LYS A 68 -3.46 18.81 7.12
N ASN A 69 -3.92 17.90 7.99
CA ASN A 69 -3.04 16.94 8.65
C ASN A 69 -2.42 15.97 7.65
N GLU A 70 -3.23 15.48 6.71
CA GLU A 70 -2.76 14.51 5.73
C GLU A 70 -1.79 15.14 4.75
N VAL A 71 -2.04 16.37 4.35
CA VAL A 71 -1.11 17.11 3.50
C VAL A 71 0.21 17.31 4.25
N GLY A 72 0.12 17.56 5.55
CA GLY A 72 1.28 17.73 6.40
C GLY A 72 2.15 16.49 6.46
N VAL A 73 1.52 15.32 6.49
CA VAL A 73 2.23 14.03 6.48
C VAL A 73 2.86 13.77 5.12
N LEU A 74 2.11 14.05 4.05
CA LEU A 74 2.60 13.82 2.69
C LEU A 74 3.78 14.72 2.37
N ARG A 75 3.80 15.91 2.98
CA ARG A 75 4.89 16.87 2.80
C ARG A 75 6.20 16.34 3.37
N LYS A 76 6.13 15.41 4.32
CA LYS A 76 7.31 14.81 4.93
C LYS A 76 7.90 13.64 4.12
N THR A 77 7.30 13.29 2.99
CA THR A 77 7.76 12.16 2.18
C THR A 77 8.49 12.57 0.92
N ARG A 78 9.77 12.22 0.84
CA ARG A 78 10.61 12.41 -0.32
C ARG A 78 11.47 11.15 -0.52
N HIS A 79 10.91 10.19 -1.24
CA HIS A 79 11.55 8.90 -1.48
C HIS A 79 10.98 8.32 -2.77
N VAL A 80 11.83 7.69 -3.57
CA VAL A 80 11.44 7.22 -4.91
C VAL A 80 10.35 6.14 -4.87
N ASN A 81 10.28 5.40 -3.77
CA ASN A 81 9.27 4.34 -3.61
C ASN A 81 7.99 4.78 -2.90
N ILE A 82 7.88 6.08 -2.62
CA ILE A 82 6.64 6.68 -2.13
C ILE A 82 6.10 7.60 -3.23
N LEU A 83 4.83 7.40 -3.58
CA LEU A 83 4.14 8.24 -4.56
C LEU A 83 4.41 9.71 -4.24
N LEU A 84 4.86 10.45 -5.25
CA LEU A 84 5.35 11.81 -5.06
C LEU A 84 4.20 12.81 -4.95
N PHE A 85 3.97 13.30 -3.74
CA PHE A 85 3.08 14.44 -3.50
C PHE A 85 3.61 15.65 -4.25
N MET A 86 2.71 16.39 -4.92
CA MET A 86 3.08 17.58 -5.70
C MET A 86 2.35 18.86 -5.26
N GLY A 87 1.19 18.71 -4.62
CA GLY A 87 0.42 19.85 -4.14
C GLY A 87 -1.01 19.49 -3.80
N TYR A 88 -1.81 20.50 -3.51
CA TYR A 88 -3.22 20.30 -3.19
C TYR A 88 -4.06 21.50 -3.60
N SER A 89 -5.37 21.31 -3.68
CA SER A 89 -6.31 22.40 -3.92
C SER A 89 -7.33 22.48 -2.79
N THR A 90 -7.86 23.68 -2.57
CA THR A 90 -8.92 23.92 -1.59
C THR A 90 -10.25 24.22 -2.30
N LYS A 91 -10.18 25.08 -3.31
CA LYS A 91 -11.36 25.51 -4.07
C LYS A 91 -11.19 25.17 -5.56
N PRO A 92 -12.27 24.76 -6.24
CA PRO A 92 -13.62 24.69 -5.68
C PRO A 92 -13.85 23.54 -4.69
N GLN A 93 -12.93 22.57 -4.66
CA GLN A 93 -13.00 21.50 -3.66
C GLN A 93 -11.64 20.94 -3.29
N LEU A 94 -11.61 20.17 -2.21
CA LEU A 94 -10.39 19.57 -1.69
C LEU A 94 -9.83 18.57 -2.70
N ALA A 95 -8.52 18.54 -2.85
CA ALA A 95 -7.87 17.67 -3.82
C ALA A 95 -6.39 17.49 -3.51
N ILE A 96 -5.87 16.29 -3.79
CA ILE A 96 -4.45 16.00 -3.66
C ILE A 96 -3.90 15.74 -5.05
N VAL A 97 -2.79 16.40 -5.36
CA VAL A 97 -2.14 16.28 -6.67
C VAL A 97 -0.81 15.56 -6.48
N THR A 98 -0.54 14.57 -7.32
CA THR A 98 0.69 13.79 -7.26
C THR A 98 1.24 13.54 -8.66
N GLN A 99 2.41 12.92 -8.73
CA GLN A 99 2.96 12.49 -10.01
C GLN A 99 2.02 11.47 -10.64
N TRP A 100 2.01 11.45 -11.98
CA TRP A 100 1.29 10.42 -12.72
C TRP A 100 2.18 9.19 -12.87
N CYS A 101 1.63 8.02 -12.56
CA CYS A 101 2.33 6.75 -12.73
C CYS A 101 1.83 6.04 -13.97
N GLU A 102 2.75 5.50 -14.77
CA GLU A 102 2.40 4.72 -15.95
C GLU A 102 2.27 3.25 -15.57
N GLY A 103 1.23 2.60 -16.06
CA GLY A 103 1.04 1.17 -15.85
C GLY A 103 -0.14 0.84 -14.96
N SER A 104 0.02 -0.21 -14.15
N SER A 104 0.01 -0.21 -14.15
CA SER A 104 -1.05 -0.69 -13.27
CA SER A 104 -1.05 -0.69 -13.27
C SER A 104 -0.53 -1.04 -11.88
C SER A 104 -0.53 -1.02 -11.87
N SER A 105 -1.45 -1.34 -10.96
CA SER A 105 -1.11 -1.70 -9.60
C SER A 105 -0.52 -3.11 -9.53
N LEU A 106 0.16 -3.40 -8.42
CA LEU A 106 0.69 -4.73 -8.17
C LEU A 106 -0.44 -5.75 -8.08
N TYR A 107 -1.60 -5.33 -7.57
CA TYR A 107 -2.78 -6.19 -7.50
C TYR A 107 -3.22 -6.64 -8.87
N HIS A 108 -3.19 -5.72 -9.84
CA HIS A 108 -3.56 -6.03 -11.22
C HIS A 108 -2.59 -7.03 -11.86
N HIS A 109 -1.29 -6.84 -11.63
CA HIS A 109 -0.28 -7.71 -12.21
C HIS A 109 -0.36 -9.15 -11.66
N LEU A 110 -0.66 -9.27 -10.36
CA LEU A 110 -0.65 -10.55 -9.66
C LEU A 110 -1.96 -11.32 -9.77
N HIS A 111 -3.09 -10.61 -9.72
CA HIS A 111 -4.41 -11.23 -9.57
C HIS A 111 -5.41 -10.93 -10.71
N ALA A 112 -5.02 -10.09 -11.66
CA ALA A 112 -5.91 -9.73 -12.77
C ALA A 112 -5.15 -9.66 -14.11
N SER A 113 -4.17 -10.53 -14.28
CA SER A 113 -3.47 -10.68 -15.56
C SER A 113 -2.78 -12.04 -15.66
N GLU A 114 -2.48 -12.45 -16.89
CA GLU A 114 -1.81 -13.72 -17.13
C GLU A 114 -0.28 -13.56 -17.23
N THR A 115 0.19 -12.35 -16.93
CA THR A 115 1.63 -12.10 -16.80
C THR A 115 2.12 -12.75 -15.51
N LYS A 116 3.21 -13.51 -15.61
CA LYS A 116 3.86 -14.13 -14.47
C LYS A 116 5.28 -13.60 -14.34
N PHE A 117 5.54 -12.83 -13.30
CA PHE A 117 6.88 -12.31 -13.03
C PHE A 117 7.83 -13.44 -12.63
N GLU A 118 9.09 -13.30 -13.00
CA GLU A 118 10.14 -14.22 -12.54
C GLU A 118 10.53 -13.86 -11.11
N MET A 119 11.20 -14.78 -10.42
CA MET A 119 11.50 -14.60 -9.00
C MET A 119 12.40 -13.39 -8.73
N LYS A 120 13.32 -13.09 -9.65
CA LYS A 120 14.18 -11.92 -9.54
C LYS A 120 13.34 -10.64 -9.45
N LYS A 121 12.33 -10.55 -10.31
CA LYS A 121 11.42 -9.42 -10.37
C LYS A 121 10.56 -9.31 -9.11
N LEU A 122 10.00 -10.44 -8.68
CA LEU A 122 9.19 -10.50 -7.46
C LEU A 122 9.99 -9.99 -6.25
N ILE A 123 11.25 -10.40 -6.15
CA ILE A 123 12.10 -10.03 -5.04
C ILE A 123 12.50 -8.55 -5.14
N ASP A 124 12.64 -8.05 -6.37
CA ASP A 124 12.90 -6.63 -6.59
C ASP A 124 11.72 -5.78 -6.10
N ILE A 125 10.50 -6.24 -6.37
CA ILE A 125 9.30 -5.52 -5.96
C ILE A 125 9.19 -5.54 -4.43
N ALA A 126 9.48 -6.68 -3.82
CA ALA A 126 9.50 -6.80 -2.36
C ALA A 126 10.56 -5.87 -1.76
N ARG A 127 11.71 -5.76 -2.41
CA ARG A 127 12.81 -4.93 -1.93
C ARG A 127 12.43 -3.44 -1.94
N GLN A 128 11.84 -3.00 -3.04
CA GLN A 128 11.48 -1.59 -3.22
C GLN A 128 10.36 -1.20 -2.28
N THR A 129 9.41 -2.12 -2.07
CA THR A 129 8.32 -1.89 -1.14
C THR A 129 8.88 -1.76 0.28
N ALA A 130 9.85 -2.60 0.60
CA ALA A 130 10.53 -2.55 1.89
C ALA A 130 11.31 -1.24 2.07
N ARG A 131 11.89 -0.72 0.98
CA ARG A 131 12.59 0.55 1.03
C ARG A 131 11.64 1.68 1.41
N GLY A 132 10.48 1.71 0.76
CA GLY A 132 9.48 2.72 1.02
C GLY A 132 8.93 2.67 2.43
N MET A 133 8.64 1.46 2.91
CA MET A 133 8.07 1.28 4.24
C MET A 133 9.09 1.58 5.33
N ASP A 134 10.33 1.17 5.11
CA ASP A 134 11.44 1.48 6.01
C ASP A 134 11.59 2.99 6.14
N TYR A 135 11.43 3.69 5.02
CA TYR A 135 11.48 5.15 4.99
C TYR A 135 10.34 5.77 5.80
N LEU A 136 9.11 5.32 5.54
CA LEU A 136 7.93 5.84 6.24
C LEU A 136 8.06 5.67 7.75
N HIS A 137 8.41 4.47 8.18
CA HIS A 137 8.54 4.15 9.60
C HIS A 137 9.67 4.92 10.29
N ALA A 138 10.71 5.25 9.54
CA ALA A 138 11.80 6.07 10.06
C ALA A 138 11.35 7.50 10.36
N LYS A 139 10.32 7.95 9.65
CA LYS A 139 9.70 9.25 9.89
C LYS A 139 8.42 9.14 10.73
N SER A 140 8.25 8.01 11.41
CA SER A 140 7.10 7.73 12.28
C SER A 140 5.74 7.83 11.55
N ILE A 141 5.72 7.44 10.28
CA ILE A 141 4.50 7.41 9.49
C ILE A 141 4.03 5.98 9.36
N ILE A 142 2.78 5.74 9.79
CA ILE A 142 2.12 4.45 9.61
C ILE A 142 1.18 4.57 8.42
N HIS A 143 1.31 3.65 7.46
CA HIS A 143 0.48 3.66 6.28
C HIS A 143 -0.98 3.34 6.62
N ARG A 144 -1.18 2.25 7.35
CA ARG A 144 -2.49 1.77 7.82
C ARG A 144 -3.30 0.96 6.80
N ASP A 145 -2.88 0.98 5.54
CA ASP A 145 -3.61 0.26 4.49
C ASP A 145 -2.68 -0.26 3.39
N LEU A 146 -1.53 -0.79 3.79
CA LEU A 146 -0.60 -1.39 2.85
C LEU A 146 -1.22 -2.66 2.27
N LYS A 147 -1.25 -2.72 0.94
CA LYS A 147 -1.73 -3.87 0.19
C LYS A 147 -1.32 -3.72 -1.27
N SER A 148 -1.44 -4.79 -2.06
CA SER A 148 -0.98 -4.77 -3.45
C SER A 148 -1.70 -3.74 -4.32
N ASN A 149 -2.96 -3.42 -3.99
CA ASN A 149 -3.72 -2.42 -4.74
C ASN A 149 -3.35 -0.98 -4.36
N ASN A 150 -2.56 -0.82 -3.31
CA ASN A 150 -1.97 0.47 -2.95
C ASN A 150 -0.50 0.56 -3.31
N ILE A 151 -0.01 -0.41 -4.08
CA ILE A 151 1.34 -0.38 -4.63
C ILE A 151 1.23 -0.33 -6.16
N PHE A 152 1.80 0.70 -6.78
N PHE A 152 1.81 0.70 -6.77
CA PHE A 152 1.79 0.85 -8.23
CA PHE A 152 1.81 0.88 -8.21
C PHE A 152 3.17 0.50 -8.78
C PHE A 152 3.18 0.48 -8.76
N LEU A 153 3.20 -0.19 -9.92
CA LEU A 153 4.45 -0.50 -10.59
C LEU A 153 4.63 0.50 -11.72
N HIS A 154 5.12 1.69 -11.36
CA HIS A 154 5.42 2.77 -12.31
C HIS A 154 6.39 2.32 -13.39
N GLU A 155 5.98 2.44 -14.65
CA GLU A 155 6.73 1.95 -15.81
C GLU A 155 7.05 0.44 -15.72
N ASP A 156 6.18 -0.31 -15.04
CA ASP A 156 6.38 -1.74 -14.75
C ASP A 156 7.67 -2.10 -13.99
N ASN A 157 8.30 -1.11 -13.34
N ASN A 157 8.27 -1.11 -13.32
CA ASN A 157 9.61 -1.29 -12.72
CA ASN A 157 9.62 -1.25 -12.76
C ASN A 157 9.74 -0.75 -11.30
C ASN A 157 9.73 -0.74 -11.32
N THR A 158 9.24 0.47 -11.06
CA THR A 158 9.43 1.16 -9.79
C THR A 158 8.19 1.16 -8.90
N VAL A 159 8.32 0.57 -7.72
CA VAL A 159 7.26 0.61 -6.71
C VAL A 159 6.97 2.05 -6.28
N LYS A 160 5.68 2.38 -6.21
CA LYS A 160 5.20 3.65 -5.71
C LYS A 160 4.10 3.33 -4.70
N ILE A 161 4.40 3.47 -3.41
CA ILE A 161 3.43 3.19 -2.36
C ILE A 161 2.57 4.43 -2.19
N GLY A 162 1.26 4.23 -2.15
CA GLY A 162 0.35 5.35 -1.95
C GLY A 162 -1.01 4.92 -1.47
N ASP A 163 -2.01 5.67 -1.91
CA ASP A 163 -3.38 5.51 -1.51
C ASP A 163 -4.21 5.58 -2.79
N PHE A 164 -4.06 4.54 -3.60
CA PHE A 164 -4.71 4.45 -4.90
C PHE A 164 -6.14 3.95 -4.72
N GLY A 165 -6.29 2.71 -4.23
CA GLY A 165 -7.57 2.16 -3.84
C GLY A 165 -8.63 2.07 -4.93
N LEU A 166 -8.20 1.72 -6.14
CA LEU A 166 -9.09 1.73 -7.30
C LEU A 166 -9.84 0.40 -7.44
N ALA A 167 -11.00 0.47 -8.09
CA ALA A 167 -11.89 -0.67 -8.26
C ALA A 167 -11.22 -1.88 -8.90
N LEU A 182 -13.17 -0.90 4.79
CA LEU A 182 -13.70 -1.62 3.63
C LEU A 182 -13.38 -3.12 3.75
N SER A 183 -14.20 -3.93 3.08
CA SER A 183 -13.93 -5.37 2.97
C SER A 183 -12.69 -5.67 2.12
N GLY A 184 -12.25 -4.69 1.33
CA GLY A 184 -11.08 -4.84 0.47
C GLY A 184 -9.76 -4.51 1.13
N SER A 185 -9.70 -4.59 2.47
CA SER A 185 -8.45 -4.55 3.21
C SER A 185 -8.35 -5.66 4.26
N ILE A 186 -9.38 -6.49 4.37
CA ILE A 186 -9.47 -7.53 5.39
C ILE A 186 -8.30 -8.52 5.35
N LEU A 187 -7.88 -8.91 4.16
CA LEU A 187 -6.83 -9.91 4.01
C LEU A 187 -5.45 -9.46 4.50
N TRP A 188 -5.26 -8.14 4.57
CA TRP A 188 -3.97 -7.56 4.99
C TRP A 188 -3.95 -7.13 6.46
N MET A 189 -5.09 -7.27 7.15
CA MET A 189 -5.21 -6.84 8.54
C MET A 189 -4.61 -7.84 9.52
N ALA A 190 -3.76 -7.34 10.43
CA ALA A 190 -3.18 -8.16 11.48
C ALA A 190 -4.29 -8.55 12.46
N PRO A 191 -4.11 -9.65 13.19
CA PRO A 191 -5.11 -10.10 14.16
C PRO A 191 -5.61 -9.01 15.12
N GLU A 192 -4.73 -8.15 15.62
CA GLU A 192 -5.12 -7.10 16.56
C GLU A 192 -5.96 -5.99 15.91
N VAL A 193 -5.74 -5.75 14.62
CA VAL A 193 -6.55 -4.79 13.86
C VAL A 193 -7.94 -5.37 13.58
N ILE A 194 -7.96 -6.61 13.11
CA ILE A 194 -9.21 -7.27 12.71
C ILE A 194 -10.13 -7.51 13.92
N ARG A 195 -9.52 -7.74 15.09
CA ARG A 195 -10.26 -7.90 16.34
C ARG A 195 -10.98 -6.61 16.75
N MET A 196 -10.33 -5.47 16.51
CA MET A 196 -10.85 -4.15 16.87
C MET A 196 -11.26 -4.09 18.35
N GLN A 197 -10.40 -4.64 19.20
CA GLN A 197 -10.65 -4.67 20.64
C GLN A 197 -10.17 -3.38 21.32
N ASP A 198 -9.49 -2.52 20.56
CA ASP A 198 -9.12 -1.19 21.02
C ASP A 198 -9.32 -0.14 19.92
N SER A 199 -9.24 1.14 20.31
CA SER A 199 -9.66 2.25 19.45
C SER A 199 -8.68 2.57 18.31
N ASN A 200 -7.40 2.28 18.52
CA ASN A 200 -6.36 2.53 17.52
C ASN A 200 -5.34 1.40 17.52
N PRO A 201 -5.68 0.30 16.85
CA PRO A 201 -4.79 -0.88 16.77
C PRO A 201 -3.74 -0.79 15.66
N TYR A 202 -3.68 0.35 14.96
CA TYR A 202 -2.70 0.52 13.89
C TYR A 202 -1.35 0.93 14.45
N SER A 203 -0.31 0.27 13.97
CA SER A 203 1.06 0.48 14.46
C SER A 203 2.06 0.13 13.37
N PHE A 204 3.34 0.36 13.66
CA PHE A 204 4.41 -0.08 12.78
C PHE A 204 4.30 -1.58 12.56
N GLN A 205 3.96 -2.29 13.62
CA GLN A 205 3.88 -3.74 13.62
C GLN A 205 2.75 -4.28 12.73
N SER A 206 1.61 -3.59 12.72
CA SER A 206 0.50 -3.99 11.85
C SER A 206 0.80 -3.70 10.38
N ASP A 207 1.60 -2.66 10.14
CA ASP A 207 2.13 -2.37 8.80
C ASP A 207 3.03 -3.51 8.34
N VAL A 208 3.82 -4.07 9.26
CA VAL A 208 4.72 -5.16 8.95
C VAL A 208 3.92 -6.42 8.59
N TYR A 209 2.80 -6.65 9.27
CA TYR A 209 1.95 -7.80 8.97
C TYR A 209 1.37 -7.68 7.57
N ALA A 210 0.87 -6.50 7.23
CA ALA A 210 0.31 -6.22 5.90
C ALA A 210 1.37 -6.44 4.83
N PHE A 211 2.60 -6.05 5.11
CA PHE A 211 3.72 -6.29 4.22
C PHE A 211 3.97 -7.79 4.07
N GLY A 212 3.85 -8.53 5.17
CA GLY A 212 3.93 -9.98 5.13
C GLY A 212 2.90 -10.61 4.21
N ILE A 213 1.71 -10.04 4.16
CA ILE A 213 0.68 -10.50 3.22
C ILE A 213 1.03 -10.11 1.79
N VAL A 214 1.64 -8.94 1.60
CA VAL A 214 2.12 -8.55 0.27
C VAL A 214 3.20 -9.54 -0.19
N LEU A 215 4.06 -9.98 0.72
CA LEU A 215 5.08 -10.97 0.40
C LEU A 215 4.42 -12.30 0.01
N TYR A 216 3.33 -12.65 0.69
CA TYR A 216 2.55 -13.84 0.36
C TYR A 216 2.00 -13.73 -1.07
N GLU A 217 1.51 -12.54 -1.43
CA GLU A 217 0.97 -12.30 -2.77
C GLU A 217 2.06 -12.47 -3.83
N LEU A 218 3.25 -11.96 -3.55
CA LEU A 218 4.35 -12.03 -4.49
C LEU A 218 4.85 -13.46 -4.68
N MET A 219 4.99 -14.20 -3.59
CA MET A 219 5.62 -15.51 -3.61
C MET A 219 4.66 -16.63 -4.03
N THR A 220 3.36 -16.45 -3.77
CA THR A 220 2.34 -17.43 -4.17
C THR A 220 1.56 -17.01 -5.42
N GLY A 221 1.60 -15.72 -5.73
CA GLY A 221 0.80 -15.16 -6.81
C GLY A 221 -0.68 -15.08 -6.51
N GLN A 222 -1.05 -15.29 -5.25
CA GLN A 222 -2.45 -15.47 -4.86
C GLN A 222 -2.82 -14.62 -3.64
N LEU A 223 -4.12 -14.52 -3.38
CA LEU A 223 -4.63 -13.90 -2.16
C LEU A 223 -4.84 -15.01 -1.13
N PRO A 224 -4.63 -14.71 0.15
CA PRO A 224 -4.80 -15.72 1.20
C PRO A 224 -6.28 -16.06 1.43
N TYR A 225 -6.53 -17.27 1.94
CA TYR A 225 -7.86 -17.72 2.34
C TYR A 225 -8.84 -17.80 1.16
N SER A 226 -8.34 -18.13 -0.02
CA SER A 226 -9.16 -18.19 -1.24
C SER A 226 -10.13 -19.37 -1.24
N ASN A 227 -9.86 -20.37 -0.41
CA ASN A 227 -10.73 -21.53 -0.25
C ASN A 227 -11.83 -21.37 0.81
N ILE A 228 -11.93 -20.18 1.39
CA ILE A 228 -13.01 -19.84 2.32
C ILE A 228 -13.88 -18.75 1.68
N ASN A 229 -15.17 -19.03 1.52
CA ASN A 229 -16.10 -18.12 0.85
C ASN A 229 -16.94 -17.24 1.79
N ASN A 230 -16.69 -17.35 3.09
CA ASN A 230 -17.39 -16.54 4.09
C ASN A 230 -16.45 -15.49 4.68
N ARG A 231 -16.76 -14.22 4.41
CA ARG A 231 -15.92 -13.11 4.86
C ARG A 231 -15.95 -12.95 6.37
N ASP A 232 -17.12 -13.12 6.98
CA ASP A 232 -17.26 -12.96 8.44
C ASP A 232 -16.47 -14.03 9.21
N GLN A 233 -16.32 -15.21 8.61
CA GLN A 233 -15.57 -16.30 9.25
C GLN A 233 -14.07 -16.11 9.09
N ILE A 234 -13.62 -15.42 8.04
CA ILE A 234 -12.21 -15.06 7.91
C ILE A 234 -11.85 -14.07 9.02
N ILE A 235 -12.72 -13.09 9.26
CA ILE A 235 -12.50 -12.07 10.27
C ILE A 235 -12.37 -12.69 11.66
N GLU A 236 -13.29 -13.59 12.00
CA GLU A 236 -13.32 -14.19 13.33
C GLU A 236 -12.11 -15.08 13.60
N MET A 237 -11.70 -15.86 12.60
N MET A 237 -11.71 -15.85 12.59
CA MET A 237 -10.65 -16.85 12.76
CA MET A 237 -10.66 -16.85 12.75
C MET A 237 -9.25 -16.25 12.75
C MET A 237 -9.26 -16.24 12.75
N VAL A 238 -9.03 -15.23 11.92
CA VAL A 238 -7.76 -14.51 11.92
C VAL A 238 -7.59 -13.77 13.26
N GLY A 239 -8.70 -13.27 13.79
CA GLY A 239 -8.72 -12.61 15.09
C GLY A 239 -8.29 -13.53 16.22
N ARG A 240 -8.85 -14.74 16.27
CA ARG A 240 -8.55 -15.66 17.38
C ARG A 240 -7.30 -16.52 17.14
N GLY A 241 -6.63 -16.34 16.00
CA GLY A 241 -5.39 -17.07 15.70
C GLY A 241 -5.57 -18.49 15.22
N SER A 242 -6.79 -18.87 14.87
CA SER A 242 -7.07 -20.20 14.34
C SER A 242 -6.86 -20.33 12.82
N LEU A 243 -6.66 -19.20 12.14
CA LEU A 243 -6.47 -19.19 10.69
C LEU A 243 -5.31 -18.25 10.34
N SER A 244 -4.35 -18.77 9.59
CA SER A 244 -3.23 -17.98 9.09
C SER A 244 -2.90 -18.36 7.65
N PRO A 245 -2.19 -17.50 6.93
CA PRO A 245 -1.84 -17.80 5.54
C PRO A 245 -1.10 -19.12 5.36
N ASP A 246 -1.45 -19.85 4.30
CA ASP A 246 -0.86 -21.15 4.01
C ASP A 246 0.45 -20.95 3.25
N LEU A 247 1.54 -20.95 4.00
CA LEU A 247 2.87 -20.66 3.44
C LEU A 247 3.45 -21.80 2.59
N SER A 248 2.80 -22.97 2.62
CA SER A 248 3.18 -24.07 1.73
C SER A 248 2.90 -23.78 0.25
N LYS A 249 2.18 -22.70 -0.03
CA LYS A 249 1.82 -22.31 -1.39
C LYS A 249 2.85 -21.41 -2.07
N VAL A 250 3.90 -21.01 -1.36
CA VAL A 250 4.97 -20.23 -1.97
C VAL A 250 5.58 -21.02 -3.12
N ARG A 251 6.15 -20.32 -4.10
CA ARG A 251 6.68 -20.98 -5.29
C ARG A 251 7.94 -21.76 -4.94
N SER A 252 8.23 -22.78 -5.75
CA SER A 252 9.34 -23.69 -5.47
C SER A 252 10.69 -22.98 -5.35
N ASN A 253 10.87 -21.91 -6.12
CA ASN A 253 12.12 -21.14 -6.08
C ASN A 253 12.08 -19.87 -5.21
N CYS A 254 11.06 -19.76 -4.34
CA CYS A 254 11.05 -18.76 -3.29
C CYS A 254 12.14 -19.11 -2.26
N PRO A 255 13.08 -18.20 -2.02
CA PRO A 255 14.15 -18.48 -1.06
C PRO A 255 13.64 -18.90 0.32
N LYS A 256 14.26 -19.90 0.91
CA LYS A 256 13.95 -20.33 2.28
C LYS A 256 13.96 -19.15 3.26
N ARG A 257 14.91 -18.24 3.09
CA ARG A 257 15.01 -17.04 3.93
C ARG A 257 13.81 -16.13 3.79
N MET A 258 13.27 -16.04 2.57
CA MET A 258 12.07 -15.23 2.32
C MET A 258 10.84 -15.85 3.00
N LYS A 259 10.74 -17.17 2.97
CA LYS A 259 9.62 -17.87 3.61
C LYS A 259 9.69 -17.69 5.12
N ARG A 260 10.90 -17.75 5.66
CA ARG A 260 11.12 -17.54 7.09
C ARG A 260 10.78 -16.12 7.48
N LEU A 261 11.26 -15.15 6.68
CA LEU A 261 11.03 -13.73 6.93
C LEU A 261 9.54 -13.41 6.89
N MET A 262 8.85 -14.02 5.95
CA MET A 262 7.41 -13.84 5.75
C MET A 262 6.64 -14.32 6.97
N ALA A 263 7.02 -15.48 7.51
CA ALA A 263 6.38 -16.02 8.71
C ALA A 263 6.61 -15.10 9.92
N GLU A 264 7.78 -14.49 9.98
CA GLU A 264 8.10 -13.53 11.05
C GLU A 264 7.22 -12.29 10.95
N CYS A 265 7.03 -11.78 9.74
CA CYS A 265 6.19 -10.61 9.50
C CYS A 265 4.73 -10.90 9.84
N LEU A 266 4.31 -12.15 9.66
CA LEU A 266 2.92 -12.56 9.86
C LEU A 266 2.63 -13.09 11.27
N LYS A 267 3.61 -13.02 12.17
CA LYS A 267 3.43 -13.55 13.53
C LYS A 267 2.17 -12.95 14.16
N LYS A 268 1.37 -13.80 14.79
CA LYS A 268 0.08 -13.38 15.34
C LYS A 268 0.25 -12.37 16.47
N LYS A 269 1.30 -12.53 17.26
CA LYS A 269 1.60 -11.62 18.35
C LYS A 269 2.33 -10.40 17.78
N ARG A 270 1.71 -9.23 17.98
CA ARG A 270 2.20 -7.96 17.47
C ARG A 270 3.72 -7.73 17.63
N ASP A 271 4.22 -7.95 18.84
CA ASP A 271 5.58 -7.56 19.20
C ASP A 271 6.65 -8.61 18.88
N GLU A 272 6.25 -9.75 18.31
CA GLU A 272 7.19 -10.76 17.83
C GLU A 272 7.58 -10.53 16.36
N ARG A 273 6.93 -9.57 15.69
CA ARG A 273 7.25 -9.26 14.30
C ARG A 273 8.51 -8.42 14.21
N PRO A 274 9.27 -8.57 13.11
CA PRO A 274 10.45 -7.72 12.88
C PRO A 274 10.05 -6.29 12.56
N SER A 275 11.03 -5.38 12.62
N SER A 275 11.03 -5.39 12.63
CA SER A 275 10.85 -4.01 12.15
CA SER A 275 10.86 -4.02 12.15
C SER A 275 11.52 -3.90 10.78
C SER A 275 11.52 -3.90 10.78
N PHE A 276 11.26 -2.80 10.08
CA PHE A 276 11.67 -2.68 8.67
C PHE A 276 13.16 -2.58 8.35
N PRO A 277 14.00 -2.03 9.24
CA PRO A 277 15.45 -2.03 8.96
C PRO A 277 15.99 -3.43 8.69
N ARG A 278 15.59 -4.43 9.48
CA ARG A 278 16.04 -5.81 9.29
C ARG A 278 15.34 -6.47 8.09
N ILE A 279 14.05 -6.21 7.93
CA ILE A 279 13.29 -6.75 6.80
C ILE A 279 13.93 -6.28 5.50
N LEU A 280 14.26 -5.00 5.43
CA LEU A 280 14.88 -4.41 4.24
C LEU A 280 16.24 -5.00 3.97
N ALA A 281 17.07 -5.10 5.01
CA ALA A 281 18.43 -5.60 4.87
C ALA A 281 18.46 -7.02 4.30
N GLU A 282 17.56 -7.87 4.77
CA GLU A 282 17.52 -9.26 4.34
C GLU A 282 17.02 -9.40 2.91
N ILE A 283 15.98 -8.66 2.55
CA ILE A 283 15.44 -8.71 1.19
C ILE A 283 16.42 -8.09 0.19
N GLU A 284 17.12 -7.04 0.62
CA GLU A 284 18.18 -6.42 -0.19
C GLU A 284 19.26 -7.42 -0.56
N GLU A 285 19.62 -8.27 0.39
CA GLU A 285 20.63 -9.30 0.14
C GLU A 285 20.10 -10.38 -0.81
N LEU A 286 18.82 -10.71 -0.70
CA LEU A 286 18.20 -11.66 -1.62
C LEU A 286 18.21 -11.12 -3.05
N ALA A 287 17.93 -9.83 -3.19
CA ALA A 287 17.98 -9.15 -4.49
C ALA A 287 19.40 -9.08 -5.04
N ARG A 288 20.38 -8.86 -4.16
CA ARG A 288 21.78 -8.73 -4.55
C ARG A 288 22.32 -10.04 -5.11
N GLU A 289 21.91 -11.15 -4.52
CA GLU A 289 22.36 -12.47 -4.96
C GLU A 289 21.80 -12.82 -6.34
N LEU A 290 20.61 -12.33 -6.65
CA LEU A 290 19.96 -12.59 -7.94
C LEU A 290 20.45 -11.63 -9.04
N SER A 291 21.10 -10.54 -8.65
CA SER A 291 21.92 -9.71 -9.54
C SER A 291 22.37 -8.44 -8.80
F33 1OO B . 2.80 6.04 1.26
C30 1OO B . 2.21 7.02 1.92
F31 1OO B . 3.15 7.88 2.30
F32 1OO B . 1.65 6.54 3.01
C27 1OO B . 1.21 7.74 1.05
C28 1OO B . -0.14 7.84 1.41
C29 1OO B . -1.04 8.53 0.60
C26 1OO B . 1.64 8.34 -0.14
C25 1OO B . 0.73 9.03 -0.94
C24 1OO B . -0.61 9.12 -0.59
S21 1OO B . -1.64 9.93 -1.53
O22 1OO B . -0.95 11.05 -2.10
O23 1OO B . -2.74 10.43 -0.75
N20 1OO B . -2.17 8.99 -2.71
C19 1OO B . -2.80 9.44 -3.83
C13 1OO B . -2.97 8.46 -4.93
F17 1OO B . -2.55 7.19 -4.82
C34 1OO B . -3.24 10.76 -4.01
C18 1OO B . -3.83 11.19 -5.21
C12 1OO B . -4.02 10.32 -6.29
F16 1OO B . -4.60 10.75 -7.43
C11 1OO B . -3.60 8.91 -6.18
C10 1OO B . -3.75 7.95 -7.31
O15 1OO B . -4.66 7.14 -7.35
C09 1OO B . -2.69 8.10 -8.33
C08 1OO B . -1.51 8.89 -8.32
C05 1OO B . -2.71 7.38 -9.63
C06 1OO B . -1.50 7.84 -10.26
N07 1OO B . -0.81 8.72 -9.48
N04 1OO B . -1.15 7.42 -11.49
C03 1OO B . -1.96 6.55 -12.11
C02 1OO B . -3.13 6.08 -11.53
CL 1OO B . -4.08 4.92 -12.49
C01 1OO B . -3.56 6.48 -10.26
S SO4 C . 17.88 -19.90 0.47
O1 SO4 C . 18.64 -19.31 -0.63
O2 SO4 C . 17.25 -18.84 1.26
O3 SO4 C . 16.84 -20.75 -0.10
O4 SO4 C . 18.76 -20.69 1.31
#